data_7OBF
#
_entry.id   7OBF
#
_cell.length_a   76.080
_cell.length_b   76.080
_cell.length_c   187.216
_cell.angle_alpha   90.000
_cell.angle_beta   90.000
_cell.angle_gamma   90.000
#
_symmetry.space_group_name_H-M   'I 41 2 2'
#
loop_
_entity.id
_entity.type
_entity.pdbx_description
1 polymer HEL4
2 non-polymer '4-(2-HYDROXYETHYL)-1-PIPERAZINE ETHANESULFONIC ACID'
3 non-polymer GLYCEROL
4 non-polymer 'SULFATE ION'
5 water water
#
_entity_poly.entity_id   1
_entity_poly.type   'polypeptide(L)'
_entity_poly.pdbx_seq_one_letter_code
;EVQLLESGGGLVQPGGSLRLSCAASGFRISDEDMGWVRQAPGKGLEWVSSIYGPSGSTYYADSVKGRFTISRDNSKNTLY
LQMNSLRAEDTAVYYCASALEPLSEPLGFWGQGTLVTVSSLEALS
;
_entity_poly.pdbx_strand_id   A,B
#
loop_
_chem_comp.id
_chem_comp.type
_chem_comp.name
_chem_comp.formula
EPE non-polymer '4-(2-HYDROXYETHYL)-1-PIPERAZINE ETHANESULFONIC ACID' 'C8 H18 N2 O4 S'
GOL non-polymer GLYCEROL 'C3 H8 O3'
SO4 non-polymer 'SULFATE ION' 'O4 S -2'
#
# COMPACT_ATOMS: atom_id res chain seq x y z
N GLU A 1 -11.80 -14.49 -7.93
CA GLU A 1 -12.25 -13.37 -7.11
C GLU A 1 -11.46 -13.28 -5.81
N VAL A 2 -10.26 -12.71 -5.89
CA VAL A 2 -9.42 -12.55 -4.72
C VAL A 2 -10.05 -11.51 -3.79
N GLN A 3 -10.21 -11.86 -2.52
CA GLN A 3 -10.83 -10.97 -1.55
C GLN A 3 -10.12 -11.09 -0.21
N LEU A 4 -9.89 -9.95 0.43
CA LEU A 4 -9.29 -9.89 1.76
C LEU A 4 -10.24 -9.16 2.69
N LEU A 5 -10.69 -9.84 3.74
CA LEU A 5 -11.64 -9.29 4.70
C LEU A 5 -10.95 -9.13 6.05
N GLU A 6 -10.90 -7.91 6.55
CA GLU A 6 -10.17 -7.58 7.77
C GLU A 6 -11.11 -7.47 8.98
N SER A 7 -10.51 -7.60 10.16
CA SER A 7 -11.22 -7.55 11.43
C SER A 7 -10.22 -7.23 12.53
N GLY A 8 -10.73 -6.75 13.66
CA GLY A 8 -9.95 -6.63 14.87
C GLY A 8 -9.62 -5.23 15.33
N GLY A 9 -9.82 -4.22 14.49
CA GLY A 9 -9.51 -2.86 14.87
C GLY A 9 -10.39 -2.36 16.01
N GLY A 10 -9.97 -1.26 16.61
CA GLY A 10 -10.74 -0.68 17.69
C GLY A 10 -9.93 0.34 18.48
N LEU A 11 -10.49 0.69 19.63
CA LEU A 11 -9.94 1.72 20.52
C LEU A 11 -9.31 1.05 21.74
N VAL A 12 -8.08 1.45 22.06
CA VAL A 12 -7.28 0.77 23.07
C VAL A 12 -6.41 1.81 23.75
N GLN A 13 -6.10 1.58 25.04
CA GLN A 13 -5.23 2.46 25.79
C GLN A 13 -3.77 2.10 25.57
N PRO A 14 -2.85 3.05 25.78
CA PRO A 14 -1.42 2.74 25.60
C PRO A 14 -0.99 1.56 26.47
N GLY A 15 -0.16 0.70 25.89
CA GLY A 15 0.21 -0.55 26.50
C GLY A 15 -0.74 -1.69 26.23
N GLY A 16 -1.89 -1.41 25.63
CA GLY A 16 -2.85 -2.44 25.30
C GLY A 16 -2.40 -3.26 24.10
N SER A 17 -3.30 -4.16 23.68
CA SER A 17 -2.97 -5.08 22.61
C SER A 17 -4.19 -5.35 21.76
N LEU A 18 -3.94 -5.72 20.51
CA LEU A 18 -4.99 -6.12 19.58
C LEU A 18 -4.45 -7.24 18.70
N ARG A 19 -5.36 -7.95 18.05
CA ARG A 19 -4.98 -8.95 17.05
C ARG A 19 -5.79 -8.65 15.80
N LEU A 20 -5.15 -8.04 14.80
CA LEU A 20 -5.78 -7.83 13.52
C LEU A 20 -5.83 -9.15 12.74
N SER A 21 -6.94 -9.41 12.09
CA SER A 21 -7.14 -10.62 11.32
C SER A 21 -7.55 -10.24 9.89
N CYS A 22 -7.11 -11.05 8.92
CA CYS A 22 -7.42 -10.79 7.52
C CYS A 22 -7.60 -12.14 6.84
N ALA A 23 -8.85 -12.49 6.56
CA ALA A 23 -9.17 -13.74 5.89
C ALA A 23 -9.14 -13.55 4.38
N ALA A 24 -8.49 -14.47 3.68
CA ALA A 24 -8.38 -14.43 2.23
C ALA A 24 -9.31 -15.46 1.60
N SER A 25 -9.90 -15.09 0.46
CA SER A 25 -10.77 -15.98 -0.28
C SER A 25 -10.44 -15.88 -1.76
N GLY A 26 -10.24 -17.03 -2.40
CA GLY A 26 -9.88 -17.11 -3.80
C GLY A 26 -8.47 -17.57 -4.05
N PHE A 27 -7.66 -17.75 -3.00
CA PHE A 27 -6.27 -18.16 -3.13
C PHE A 27 -5.75 -18.52 -1.75
N ARG A 28 -4.66 -19.29 -1.74
CA ARG A 28 -3.94 -19.62 -0.45
CA ARG A 28 -3.95 -19.63 -0.45
C ARG A 28 -2.85 -18.64 0.10
N ILE A 29 -3.08 -18.26 1.36
CA ILE A 29 -2.19 -17.31 2.04
CA ILE A 29 -2.19 -17.31 2.01
C ILE A 29 -0.79 -17.90 2.16
N SER A 30 -0.66 -19.21 1.98
CA SER A 30 0.62 -19.89 2.08
C SER A 30 1.47 -19.74 0.83
N ASP A 31 1.01 -18.97 -0.16
CA ASP A 31 1.69 -18.86 -1.45
C ASP A 31 2.03 -17.43 -1.84
N GLU A 32 1.49 -16.43 -1.14
CA GLU A 32 1.69 -15.03 -1.50
C GLU A 32 2.49 -14.30 -0.43
N ASP A 33 3.11 -13.20 -0.83
CA ASP A 33 3.82 -12.32 0.09
C ASP A 33 2.82 -11.30 0.64
N MET A 34 2.41 -11.50 1.89
CA MET A 34 1.40 -10.67 2.52
C MET A 34 2.05 -9.65 3.44
N GLY A 35 1.29 -8.63 3.81
CA GLY A 35 1.81 -7.64 4.73
C GLY A 35 0.71 -6.72 5.23
N TRP A 36 1.11 -5.81 6.11
CA TRP A 36 0.22 -4.82 6.69
C TRP A 36 0.77 -3.43 6.43
N VAL A 37 -0.10 -2.51 6.04
CA VAL A 37 0.26 -1.14 5.69
C VAL A 37 -0.54 -0.19 6.58
N ARG A 38 0.13 0.77 7.19
CA ARG A 38 -0.55 1.75 8.02
CA ARG A 38 -0.47 1.78 8.05
C ARG A 38 -0.75 3.05 7.26
N GLN A 39 -1.87 3.71 7.56
CA GLN A 39 -2.21 4.98 6.94
C GLN A 39 -2.68 5.95 8.00
N ALA A 40 -2.05 7.12 8.06
CA ALA A 40 -2.43 8.18 8.97
C ALA A 40 -2.31 9.51 8.24
N PRO A 41 -3.17 10.48 8.56
CA PRO A 41 -3.11 11.77 7.87
C PRO A 41 -1.80 12.47 8.15
N GLY A 42 -1.22 13.04 7.09
CA GLY A 42 0.09 13.66 7.20
C GLY A 42 1.24 12.68 7.31
N LYS A 43 0.99 11.38 7.10
CA LYS A 43 2.02 10.37 7.21
C LYS A 43 2.09 9.44 6.01
N GLY A 44 1.18 9.58 5.03
CA GLY A 44 1.23 8.73 3.86
C GLY A 44 0.94 7.28 4.20
N LEU A 45 1.75 6.38 3.64
CA LEU A 45 1.63 4.96 3.89
C LEU A 45 2.98 4.39 4.27
N GLU A 46 2.96 3.37 5.13
CA GLU A 46 4.18 2.71 5.58
C GLU A 46 3.90 1.24 5.80
N TRP A 47 4.86 0.40 5.42
CA TRP A 47 4.76 -1.04 5.65
C TRP A 47 5.06 -1.33 7.11
N VAL A 48 4.06 -1.82 7.83
CA VAL A 48 4.24 -2.18 9.23
C VAL A 48 5.02 -3.48 9.36
N SER A 49 4.47 -4.55 8.80
CA SER A 49 5.09 -5.86 8.85
C SER A 49 4.75 -6.59 7.55
N SER A 50 5.48 -7.68 7.30
CA SER A 50 5.22 -8.46 6.11
C SER A 50 5.76 -9.88 6.30
N ILE A 51 5.04 -10.85 5.77
CA ILE A 51 5.51 -12.23 5.70
C ILE A 51 5.65 -12.58 4.23
N TYR A 52 6.79 -13.15 3.87
CA TYR A 52 7.14 -13.33 2.47
C TYR A 52 7.88 -14.65 2.29
N GLY A 53 7.94 -15.09 1.03
CA GLY A 53 8.75 -16.21 0.64
C GLY A 53 8.44 -17.46 1.43
N PRO A 54 7.31 -18.15 1.10
CA PRO A 54 6.69 -19.10 2.03
C PRO A 54 7.60 -20.05 2.82
N SER A 55 8.92 -20.00 2.59
CA SER A 55 9.82 -20.37 3.67
C SER A 55 9.46 -19.61 4.95
N GLY A 56 8.76 -18.49 4.84
CA GLY A 56 8.04 -17.89 5.94
C GLY A 56 8.79 -16.80 6.67
N SER A 57 9.49 -15.94 5.94
CA SER A 57 10.38 -14.97 6.57
C SER A 57 9.66 -13.65 6.74
N THR A 58 9.89 -13.00 7.88
CA THR A 58 9.13 -11.83 8.30
C THR A 58 10.00 -10.59 8.32
N TYR A 59 9.46 -9.50 7.80
CA TYR A 59 10.03 -8.17 7.90
C TYR A 59 9.17 -7.33 8.85
N TYR A 60 9.83 -6.49 9.64
CA TYR A 60 9.16 -5.57 10.53
C TYR A 60 9.77 -4.18 10.39
N ALA A 61 8.93 -3.17 10.56
CA ALA A 61 9.42 -1.81 10.66
C ALA A 61 10.16 -1.62 11.99
N ASP A 62 11.13 -0.71 12.00
CA ASP A 62 11.89 -0.46 13.21
C ASP A 62 11.01 0.08 14.34
N SER A 63 9.94 0.79 14.00
CA SER A 63 9.06 1.36 15.01
C SER A 63 8.28 0.28 15.75
N VAL A 64 8.00 -0.85 15.10
CA VAL A 64 7.16 -1.90 15.67
C VAL A 64 7.92 -3.17 15.98
N LYS A 65 9.23 -3.19 15.81
CA LYS A 65 10.00 -4.40 16.04
C LYS A 65 10.00 -4.76 17.51
N GLY A 66 9.73 -6.04 17.80
CA GLY A 66 9.61 -6.51 19.16
C GLY A 66 8.23 -6.39 19.77
N ARG A 67 7.37 -5.53 19.20
CA ARG A 67 6.02 -5.35 19.69
C ARG A 67 4.96 -5.97 18.79
N PHE A 68 5.17 -6.00 17.49
CA PHE A 68 4.23 -6.57 16.54
C PHE A 68 4.72 -7.93 16.07
N THR A 69 3.77 -8.76 15.64
CA THR A 69 4.07 -10.13 15.22
C THR A 69 3.10 -10.54 14.11
N ILE A 70 3.63 -10.84 12.95
CA ILE A 70 2.80 -11.28 11.83
C ILE A 70 2.77 -12.80 11.81
N SER A 71 1.60 -13.35 11.47
CA SER A 71 1.38 -14.79 11.57
C SER A 71 0.49 -15.25 10.43
N ARG A 72 0.56 -16.54 10.13
CA ARG A 72 -0.26 -17.17 9.11
C ARG A 72 -0.94 -18.40 9.69
N ASP A 73 -2.21 -18.61 9.32
CA ASP A 73 -2.93 -19.83 9.61
C ASP A 73 -3.42 -20.38 8.27
N ASN A 74 -2.73 -21.40 7.77
CA ASN A 74 -3.08 -21.97 6.48
C ASN A 74 -4.37 -22.77 6.54
N SER A 75 -4.68 -23.36 7.69
CA SER A 75 -5.95 -24.07 7.85
C SER A 75 -7.12 -23.14 7.65
N LYS A 76 -7.12 -22.00 8.34
CA LYS A 76 -8.17 -21.00 8.19
C LYS A 76 -7.88 -20.01 7.06
N ASN A 77 -6.71 -20.08 6.44
CA ASN A 77 -6.33 -19.18 5.34
C ASN A 77 -6.41 -17.72 5.78
N THR A 78 -5.73 -17.40 6.88
CA THR A 78 -5.87 -16.10 7.52
C THR A 78 -4.50 -15.53 7.89
N LEU A 79 -4.33 -14.24 7.67
CA LEU A 79 -3.17 -13.49 8.13
C LEU A 79 -3.50 -12.80 9.44
N TYR A 80 -2.57 -12.88 10.40
CA TYR A 80 -2.77 -12.30 11.72
C TYR A 80 -1.67 -11.27 12.00
N LEU A 81 -2.02 -10.28 12.82
CA LEU A 81 -1.07 -9.27 13.28
C LEU A 81 -1.33 -9.03 14.76
N GLN A 82 -0.48 -9.63 15.60
CA GLN A 82 -0.46 -9.33 17.02
C GLN A 82 0.19 -7.97 17.24
N MET A 83 -0.47 -7.10 17.97
CA MET A 83 0.02 -5.75 18.27
C MET A 83 -0.04 -5.56 19.78
N ASN A 84 1.08 -5.81 20.44
CA ASN A 84 1.22 -5.60 21.88
C ASN A 84 1.96 -4.30 22.13
N SER A 85 1.83 -3.79 23.35
CA SER A 85 2.51 -2.57 23.79
C SER A 85 2.25 -1.41 22.84
N LEU A 86 0.97 -1.18 22.55
CA LEU A 86 0.59 -0.17 21.58
C LEU A 86 0.90 1.23 22.10
N ARG A 87 1.26 2.11 21.17
CA ARG A 87 1.55 3.51 21.47
C ARG A 87 0.63 4.42 20.68
N ALA A 88 0.60 5.69 21.07
CA ALA A 88 -0.21 6.67 20.35
C ALA A 88 0.23 6.82 18.91
N GLU A 89 1.51 6.57 18.62
CA GLU A 89 2.01 6.65 17.26
C GLU A 89 1.56 5.47 16.39
N ASP A 90 0.98 4.43 16.99
CA ASP A 90 0.45 3.32 16.23
C ASP A 90 -0.97 3.56 15.74
N THR A 91 -1.59 4.68 16.12
CA THR A 91 -2.95 4.99 15.69
C THR A 91 -2.97 5.25 14.19
N ALA A 92 -3.70 4.43 13.45
CA ALA A 92 -3.81 4.55 12.00
C ALA A 92 -4.85 3.56 11.50
N VAL A 93 -5.09 3.59 10.19
CA VAL A 93 -5.89 2.59 9.52
C VAL A 93 -4.95 1.56 8.92
N TYR A 94 -5.13 0.30 9.29
CA TYR A 94 -4.28 -0.79 8.85
C TYR A 94 -4.97 -1.56 7.73
N TYR A 95 -4.21 -1.88 6.69
CA TYR A 95 -4.69 -2.64 5.55
C TYR A 95 -3.84 -3.90 5.41
N CYS A 96 -4.50 -5.06 5.31
CA CYS A 96 -3.80 -6.25 4.87
C CYS A 96 -3.71 -6.21 3.35
N ALA A 97 -2.51 -6.43 2.82
CA ALA A 97 -2.30 -6.24 1.39
C ALA A 97 -1.27 -7.27 0.91
N SER A 98 -1.26 -7.44 -0.41
CA SER A 98 -0.26 -8.27 -1.06
C SER A 98 0.94 -7.41 -1.44
N ALA A 99 1.94 -8.03 -2.06
CA ALA A 99 3.10 -7.29 -2.52
C ALA A 99 2.75 -6.50 -3.77
N LEU A 100 3.70 -5.65 -4.20
CA LEU A 100 3.52 -4.91 -5.43
C LEU A 100 3.40 -5.85 -6.62
N GLU A 101 4.14 -6.95 -6.60
CA GLU A 101 4.09 -7.99 -7.63
C GLU A 101 3.50 -9.27 -7.04
N PRO A 102 2.20 -9.48 -7.15
CA PRO A 102 1.60 -10.70 -6.60
C PRO A 102 1.92 -11.92 -7.44
N LEU A 103 1.83 -13.09 -6.80
CA LEU A 103 2.01 -14.34 -7.51
C LEU A 103 0.75 -14.79 -8.21
N SER A 104 -0.41 -14.56 -7.59
CA SER A 104 -1.68 -14.99 -8.17
C SER A 104 -2.19 -14.00 -9.20
N GLU A 105 -2.45 -12.76 -8.78
CA GLU A 105 -3.04 -11.75 -9.65
C GLU A 105 -1.96 -10.89 -10.30
N PRO A 106 -2.23 -10.36 -11.50
CA PRO A 106 -1.24 -9.47 -12.13
C PRO A 106 -1.07 -8.15 -11.42
N LEU A 107 -2.10 -7.67 -10.71
CA LEU A 107 -2.06 -6.43 -9.96
C LEU A 107 -2.32 -6.71 -8.49
N GLY A 108 -1.77 -5.87 -7.62
CA GLY A 108 -1.95 -6.06 -6.19
C GLY A 108 -3.37 -5.78 -5.74
N PHE A 109 -3.72 -6.36 -4.60
CA PHE A 109 -5.04 -6.20 -4.01
C PHE A 109 -4.89 -5.73 -2.56
N TRP A 110 -5.93 -5.07 -2.06
CA TRP A 110 -5.94 -4.50 -0.73
C TRP A 110 -7.15 -5.01 0.06
N GLY A 111 -7.08 -4.85 1.38
CA GLY A 111 -8.23 -5.01 2.22
C GLY A 111 -9.01 -3.70 2.36
N GLN A 112 -10.09 -3.75 3.13
CA GLN A 112 -10.92 -2.56 3.26
C GLN A 112 -10.37 -1.57 4.28
N GLY A 113 -9.59 -2.05 5.24
CA GLY A 113 -9.01 -1.16 6.23
C GLY A 113 -9.70 -1.28 7.58
N THR A 114 -8.90 -1.28 8.64
CA THR A 114 -9.40 -1.34 10.02
C THR A 114 -8.74 -0.23 10.82
N LEU A 115 -9.56 0.59 11.48
CA LEU A 115 -9.03 1.68 12.28
C LEU A 115 -8.56 1.15 13.64
N VAL A 116 -7.31 1.40 13.98
CA VAL A 116 -6.74 1.05 15.27
C VAL A 116 -6.29 2.36 15.93
N THR A 117 -6.88 2.67 17.09
CA THR A 117 -6.60 3.90 17.81
C THR A 117 -6.08 3.58 19.21
N VAL A 118 -5.01 4.27 19.61
CA VAL A 118 -4.43 4.14 20.94
C VAL A 118 -4.42 5.53 21.55
N SER A 119 -5.23 5.72 22.59
CA SER A 119 -5.35 7.02 23.25
C SER A 119 -5.34 6.82 24.76
N SER A 120 -4.70 7.76 25.46
CA SER A 120 -4.59 7.70 26.91
C SER A 120 -5.77 8.43 27.58
N LEU A 121 -5.83 8.31 28.90
CA LEU A 121 -6.90 8.96 29.65
C LEU A 121 -6.75 10.48 29.64
N GLU A 122 -5.52 10.98 29.49
CA GLU A 122 -5.31 12.42 29.37
C GLU A 122 -5.65 12.93 27.98
N ALA A 123 -5.39 12.13 26.94
CA ALA A 123 -5.70 12.55 25.59
C ALA A 123 -7.20 12.53 25.32
N LEU A 124 -7.94 11.64 25.97
CA LEU A 124 -9.38 11.57 25.81
C LEU A 124 -10.13 12.57 26.67
N SER A 125 -9.46 13.22 27.62
CA SER A 125 -10.10 14.18 28.50
C SER A 125 -9.38 15.52 28.46
N GLU B 1 18.61 6.96 2.30
CA GLU B 1 17.20 6.72 2.57
C GLU B 1 16.36 6.90 1.31
N VAL B 2 15.73 5.82 0.86
CA VAL B 2 14.89 5.87 -0.33
C VAL B 2 13.66 6.72 -0.05
N GLN B 3 13.41 7.69 -0.93
CA GLN B 3 12.26 8.57 -0.77
C GLN B 3 11.56 8.73 -2.12
N LEU B 4 10.27 9.06 -2.04
CA LEU B 4 9.42 9.26 -3.22
C LEU B 4 8.66 10.56 -3.04
N LEU B 5 8.95 11.54 -3.88
CA LEU B 5 8.33 12.86 -3.80
C LEU B 5 7.30 13.00 -4.91
N GLU B 6 6.04 13.18 -4.54
CA GLU B 6 4.95 13.31 -5.50
C GLU B 6 4.77 14.76 -5.92
N SER B 7 4.21 14.94 -7.11
CA SER B 7 3.93 16.28 -7.64
C SER B 7 2.96 16.13 -8.81
N GLY B 8 2.36 17.24 -9.20
CA GLY B 8 1.49 17.30 -10.37
C GLY B 8 0.01 17.21 -10.07
N GLY B 9 -0.38 17.03 -8.82
CA GLY B 9 -1.79 16.97 -8.49
C GLY B 9 -2.46 18.33 -8.54
N GLY B 10 -3.77 18.32 -8.38
CA GLY B 10 -4.54 19.54 -8.37
C GLY B 10 -5.94 19.30 -8.91
N LEU B 11 -6.54 20.38 -9.39
CA LEU B 11 -7.87 20.33 -9.96
C LEU B 11 -7.83 20.15 -11.47
N VAL B 12 -8.74 19.32 -11.97
CA VAL B 12 -8.90 19.10 -13.40
C VAL B 12 -10.39 19.01 -13.70
N GLN B 13 -10.75 19.42 -14.89
CA GLN B 13 -12.14 19.30 -15.29
C GLN B 13 -12.40 17.92 -15.88
N PRO B 14 -13.63 17.44 -15.80
CA PRO B 14 -13.95 16.13 -16.37
C PRO B 14 -13.62 16.08 -17.86
N GLY B 15 -13.02 14.95 -18.27
CA GLY B 15 -12.54 14.81 -19.63
C GLY B 15 -11.16 15.38 -19.87
N GLY B 16 -10.60 16.13 -18.91
CA GLY B 16 -9.27 16.67 -19.05
C GLY B 16 -8.19 15.63 -18.81
N SER B 17 -6.96 16.12 -18.73
CA SER B 17 -5.80 15.25 -18.54
C SER B 17 -4.90 15.84 -17.46
N LEU B 18 -4.02 14.99 -16.94
CA LEU B 18 -3.05 15.40 -15.93
C LEU B 18 -1.88 14.41 -15.96
N ARG B 19 -0.75 14.83 -15.39
CA ARG B 19 0.43 13.97 -15.31
C ARG B 19 0.97 14.04 -13.89
N LEU B 20 0.86 12.93 -13.16
CA LEU B 20 1.45 12.83 -11.85
C LEU B 20 2.91 12.43 -11.97
N SER B 21 3.79 13.10 -11.22
CA SER B 21 5.21 12.81 -11.22
C SER B 21 5.64 12.33 -9.84
N CYS B 22 6.58 11.40 -9.83
CA CYS B 22 7.16 10.90 -8.57
C CYS B 22 8.66 10.85 -8.76
N ALA B 23 9.38 11.73 -8.08
CA ALA B 23 10.84 11.76 -8.10
C ALA B 23 11.37 10.82 -7.04
N ALA B 24 12.33 9.97 -7.43
CA ALA B 24 12.88 8.97 -6.54
C ALA B 24 14.22 9.41 -5.98
N SER B 25 14.54 8.91 -4.79
CA SER B 25 15.79 9.23 -4.11
C SER B 25 16.34 7.97 -3.47
N GLY B 26 17.63 7.71 -3.67
CA GLY B 26 18.30 6.59 -3.05
C GLY B 26 18.45 5.36 -3.92
N PHE B 27 17.91 5.37 -5.13
CA PHE B 27 17.97 4.21 -6.02
C PHE B 27 17.69 4.68 -7.44
N ARG B 28 17.79 3.75 -8.38
CA ARG B 28 17.46 4.01 -9.80
C ARG B 28 16.18 3.28 -10.16
N ILE B 29 15.15 4.01 -10.60
CA ILE B 29 13.88 3.42 -10.98
C ILE B 29 14.02 2.48 -12.17
N SER B 30 15.16 2.46 -12.85
CA SER B 30 15.36 1.58 -13.99
C SER B 30 15.24 0.11 -13.58
N ASP B 31 15.82 -0.25 -12.43
CA ASP B 31 15.89 -1.64 -12.01
C ASP B 31 14.72 -2.07 -11.13
N GLU B 32 14.07 -1.13 -10.45
CA GLU B 32 13.07 -1.48 -9.44
C GLU B 32 11.69 -1.61 -10.08
N ASP B 33 10.80 -2.25 -9.33
CA ASP B 33 9.39 -2.32 -9.66
C ASP B 33 8.67 -1.17 -8.97
N MET B 34 7.77 -0.50 -9.70
CA MET B 34 7.07 0.64 -9.14
C MET B 34 5.59 0.59 -9.50
N GLY B 35 4.84 1.53 -8.96
CA GLY B 35 3.40 1.54 -9.18
C GLY B 35 2.75 2.77 -8.60
N TRP B 36 1.45 2.86 -8.85
CA TRP B 36 0.62 3.97 -8.41
C TRP B 36 -0.60 3.42 -7.68
N VAL B 37 -0.79 3.88 -6.45
CA VAL B 37 -1.91 3.54 -5.59
C VAL B 37 -2.78 4.79 -5.45
N ARG B 38 -4.08 4.61 -5.25
CA ARG B 38 -4.95 5.75 -4.99
C ARG B 38 -5.97 5.42 -3.92
N GLN B 39 -6.40 6.47 -3.22
CA GLN B 39 -7.39 6.39 -2.15
C GLN B 39 -8.50 7.37 -2.50
N ALA B 40 -9.71 6.84 -2.81
CA ALA B 40 -10.85 7.67 -3.12
C ALA B 40 -11.60 8.06 -1.84
N PRO B 41 -12.29 9.19 -1.82
CA PRO B 41 -13.04 9.59 -0.62
C PRO B 41 -14.10 8.56 -0.27
N GLY B 42 -14.09 8.11 0.98
CA GLY B 42 -15.01 7.09 1.43
C GLY B 42 -14.66 5.69 0.97
N LYS B 43 -13.48 5.49 0.40
CA LYS B 43 -13.06 4.17 -0.07
C LYS B 43 -11.62 3.93 0.36
N GLY B 44 -11.22 2.66 0.34
CA GLY B 44 -9.88 2.30 0.70
C GLY B 44 -8.90 2.47 -0.45
N LEU B 45 -7.62 2.26 -0.13
CA LEU B 45 -6.58 2.33 -1.14
C LEU B 45 -6.81 1.28 -2.22
N GLU B 46 -6.39 1.60 -3.44
CA GLU B 46 -6.49 0.66 -4.54
C GLU B 46 -5.32 0.85 -5.50
N TRP B 47 -4.83 -0.25 -6.06
CA TRP B 47 -3.73 -0.20 -7.01
C TRP B 47 -4.22 0.34 -8.34
N VAL B 48 -3.80 1.57 -8.67
CA VAL B 48 -4.16 2.14 -9.96
C VAL B 48 -3.36 1.48 -11.07
N SER B 49 -2.04 1.41 -10.91
CA SER B 49 -1.21 0.87 -11.98
C SER B 49 0.09 0.33 -11.37
N SER B 50 0.84 -0.40 -12.20
CA SER B 50 2.16 -0.86 -11.78
C SER B 50 2.98 -1.17 -13.01
N ILE B 51 4.30 -1.22 -12.80
CA ILE B 51 5.25 -1.63 -13.83
C ILE B 51 6.33 -2.45 -13.12
N TYR B 52 6.53 -3.68 -13.58
CA TYR B 52 7.49 -4.58 -12.93
C TYR B 52 7.98 -5.60 -13.95
N GLY B 53 8.78 -6.54 -13.47
CA GLY B 53 9.35 -7.58 -14.31
C GLY B 53 10.55 -7.07 -15.09
N PRO B 54 11.41 -7.99 -15.50
CA PRO B 54 12.52 -7.59 -16.39
C PRO B 54 12.05 -7.11 -17.75
N SER B 55 10.80 -7.41 -18.12
CA SER B 55 10.22 -6.94 -19.36
C SER B 55 9.85 -5.47 -19.32
N GLY B 56 9.88 -4.85 -18.15
CA GLY B 56 9.28 -3.53 -18.00
C GLY B 56 7.78 -3.55 -18.21
N SER B 57 7.13 -4.66 -17.88
CA SER B 57 5.73 -4.85 -18.20
C SER B 57 4.84 -4.01 -17.30
N THR B 58 3.85 -3.35 -17.90
CA THR B 58 2.91 -2.50 -17.20
C THR B 58 1.56 -3.22 -17.06
N TYR B 59 0.87 -2.90 -15.96
CA TYR B 59 -0.43 -3.46 -15.67
C TYR B 59 -1.31 -2.37 -15.07
N TYR B 60 -2.59 -2.38 -15.42
CA TYR B 60 -3.53 -1.36 -15.00
C TYR B 60 -4.79 -2.02 -14.44
N ALA B 61 -5.48 -1.29 -13.56
CA ALA B 61 -6.76 -1.75 -13.07
C ALA B 61 -7.82 -1.59 -14.16
N ASP B 62 -8.90 -2.38 -14.04
CA ASP B 62 -9.97 -2.33 -15.01
C ASP B 62 -10.59 -0.94 -15.13
N SER B 63 -10.49 -0.13 -14.08
CA SER B 63 -11.10 1.19 -14.08
C SER B 63 -10.31 2.21 -14.91
N VAL B 64 -9.03 1.97 -15.15
CA VAL B 64 -8.15 2.96 -15.75
C VAL B 64 -7.50 2.46 -17.05
N LYS B 65 -7.87 1.26 -17.50
CA LYS B 65 -7.31 0.74 -18.75
C LYS B 65 -7.71 1.60 -19.94
N GLY B 66 -6.72 1.89 -20.79
CA GLY B 66 -6.91 2.76 -21.93
C GLY B 66 -6.85 4.24 -21.61
N ARG B 67 -7.05 4.63 -20.36
CA ARG B 67 -7.01 6.03 -19.98
C ARG B 67 -5.74 6.42 -19.23
N PHE B 68 -5.18 5.52 -18.44
CA PHE B 68 -3.98 5.81 -17.66
C PHE B 68 -2.77 5.13 -18.30
N THR B 69 -1.60 5.74 -18.08
CA THR B 69 -0.35 5.27 -18.69
C THR B 69 0.77 5.48 -17.67
N ILE B 70 1.36 4.39 -17.21
CA ILE B 70 2.51 4.46 -16.30
C ILE B 70 3.78 4.38 -17.13
N SER B 71 4.78 5.17 -16.74
CA SER B 71 6.03 5.22 -17.48
C SER B 71 7.16 5.64 -16.57
N ARG B 72 8.39 5.41 -17.02
CA ARG B 72 9.58 5.77 -16.27
C ARG B 72 10.50 6.62 -17.16
N ASP B 73 11.18 7.58 -16.54
CA ASP B 73 12.17 8.40 -17.22
C ASP B 73 13.49 8.28 -16.46
N ASN B 74 14.46 7.61 -17.07
CA ASN B 74 15.77 7.47 -16.47
C ASN B 74 16.58 8.75 -16.52
N SER B 75 16.22 9.67 -17.42
CA SER B 75 16.93 10.94 -17.51
C SER B 75 16.80 11.74 -16.22
N LYS B 76 15.57 11.86 -15.71
CA LYS B 76 15.31 12.55 -14.46
C LYS B 76 15.00 11.59 -13.32
N ASN B 77 15.03 10.28 -13.57
CA ASN B 77 14.75 9.25 -12.57
C ASN B 77 13.37 9.49 -11.94
N THR B 78 12.36 9.58 -12.79
CA THR B 78 11.02 9.96 -12.36
C THR B 78 9.98 9.01 -12.92
N LEU B 79 9.05 8.59 -12.06
CA LEU B 79 7.92 7.78 -12.47
C LEU B 79 6.75 8.70 -12.82
N TYR B 80 6.18 8.49 -14.01
CA TYR B 80 5.10 9.32 -14.53
C TYR B 80 3.81 8.51 -14.63
N LEU B 81 2.70 9.15 -14.30
CA LEU B 81 1.36 8.59 -14.47
C LEU B 81 0.55 9.60 -15.30
N GLN B 82 0.39 9.30 -16.58
CA GLN B 82 -0.46 10.09 -17.46
C GLN B 82 -1.91 9.64 -17.29
N MET B 83 -2.81 10.59 -17.04
CA MET B 83 -4.22 10.29 -16.84
C MET B 83 -5.04 11.15 -17.79
N ASN B 84 -5.68 10.51 -18.75
CA ASN B 84 -6.53 11.18 -19.74
C ASN B 84 -7.98 10.75 -19.54
N SER B 85 -8.89 11.57 -20.06
CA SER B 85 -10.34 11.33 -19.96
C SER B 85 -10.74 11.08 -18.51
N LEU B 86 -10.33 12.00 -17.65
CA LEU B 86 -10.56 11.85 -16.21
C LEU B 86 -12.04 11.92 -15.89
N ARG B 87 -12.51 10.96 -15.09
CA ARG B 87 -13.89 10.94 -14.61
C ARG B 87 -13.95 11.52 -13.20
N ALA B 88 -15.18 11.80 -12.75
CA ALA B 88 -15.37 12.28 -11.39
C ALA B 88 -14.91 11.25 -10.36
N GLU B 89 -14.98 9.96 -10.71
CA GLU B 89 -14.54 8.90 -9.80
C GLU B 89 -13.03 8.83 -9.67
N ASP B 90 -12.29 9.56 -10.51
CA ASP B 90 -10.83 9.59 -10.39
C ASP B 90 -10.36 10.54 -9.30
N THR B 91 -11.26 11.28 -8.66
CA THR B 91 -10.91 12.12 -7.53
C THR B 91 -10.36 11.26 -6.39
N ALA B 92 -9.10 11.47 -6.05
CA ALA B 92 -8.46 10.61 -5.06
C ALA B 92 -7.11 11.21 -4.66
N VAL B 93 -6.55 10.65 -3.59
CA VAL B 93 -5.18 10.92 -3.17
C VAL B 93 -4.31 9.81 -3.73
N TYR B 94 -3.32 10.18 -4.55
CA TYR B 94 -2.48 9.23 -5.24
C TYR B 94 -1.10 9.16 -4.59
N TYR B 95 -0.61 7.94 -4.42
CA TYR B 95 0.71 7.66 -3.87
C TYR B 95 1.51 6.88 -4.91
N CYS B 96 2.80 7.15 -4.98
CA CYS B 96 3.70 6.32 -5.77
C CYS B 96 4.39 5.31 -4.87
N ALA B 97 4.62 4.12 -5.40
CA ALA B 97 5.15 3.01 -4.64
C ALA B 97 6.32 2.38 -5.39
N SER B 98 7.26 1.83 -4.63
CA SER B 98 8.42 1.14 -5.19
C SER B 98 8.74 -0.09 -4.35
N ALA B 99 9.45 -1.03 -4.96
CA ALA B 99 9.85 -2.27 -4.31
C ALA B 99 11.33 -2.50 -4.55
N LEU B 100 12.12 -2.49 -3.48
CA LEU B 100 13.57 -2.66 -3.56
C LEU B 100 13.97 -3.92 -2.80
N GLU B 101 14.58 -4.87 -3.51
CA GLU B 101 14.97 -6.16 -2.93
C GLU B 101 16.49 -6.32 -2.99
N PRO B 102 17.23 -5.69 -2.06
CA PRO B 102 18.68 -5.91 -2.01
C PRO B 102 19.12 -7.15 -1.25
N LEU B 103 18.26 -7.71 -0.40
CA LEU B 103 18.62 -8.90 0.38
C LEU B 103 17.61 -10.03 0.16
N SER B 104 17.29 -10.29 -1.11
CA SER B 104 16.49 -11.42 -1.59
C SER B 104 14.99 -11.27 -1.33
N GLU B 105 14.56 -10.22 -0.63
CA GLU B 105 13.14 -9.99 -0.42
C GLU B 105 12.81 -8.53 -0.68
N PRO B 106 11.66 -8.26 -1.30
CA PRO B 106 11.31 -6.88 -1.63
CA PRO B 106 11.30 -6.88 -1.63
C PRO B 106 10.96 -6.06 -0.40
N LEU B 107 11.25 -4.76 -0.48
CA LEU B 107 10.94 -3.78 0.54
C LEU B 107 10.06 -2.72 -0.10
N GLY B 108 8.89 -2.47 0.49
CA GLY B 108 7.95 -1.53 -0.07
C GLY B 108 8.21 -0.11 0.42
N PHE B 109 8.05 0.85 -0.49
CA PHE B 109 8.22 2.25 -0.19
C PHE B 109 7.08 3.03 -0.82
N TRP B 110 6.58 4.03 -0.09
CA TRP B 110 5.50 4.88 -0.54
C TRP B 110 5.93 6.35 -0.50
N GLY B 111 5.07 7.21 -1.05
CA GLY B 111 5.28 8.64 -1.01
C GLY B 111 4.29 9.33 -0.08
N GLN B 112 4.37 10.65 -0.08
CA GLN B 112 3.47 11.45 0.75
C GLN B 112 2.05 11.45 0.20
N GLY B 113 1.91 11.49 -1.12
CA GLY B 113 0.61 11.52 -1.76
C GLY B 113 0.23 12.90 -2.23
N THR B 114 -0.51 12.95 -3.34
CA THR B 114 -0.99 14.20 -3.91
C THR B 114 -2.46 14.07 -4.25
N LEU B 115 -3.22 15.14 -4.05
CA LEU B 115 -4.66 15.12 -4.26
C LEU B 115 -4.99 15.52 -5.70
N VAL B 116 -5.84 14.74 -6.34
CA VAL B 116 -6.34 15.03 -7.67
C VAL B 116 -7.86 15.09 -7.58
N THR B 117 -8.41 16.27 -7.87
CA THR B 117 -9.85 16.50 -7.82
C THR B 117 -10.36 16.77 -9.23
N VAL B 118 -11.21 15.88 -9.74
CA VAL B 118 -11.83 16.04 -11.05
C VAL B 118 -13.16 16.73 -10.82
N SER B 119 -13.14 18.07 -10.84
CA SER B 119 -14.31 18.88 -10.56
C SER B 119 -14.61 19.80 -11.74
N SER B 120 -15.86 20.23 -11.82
CA SER B 120 -16.28 21.14 -12.88
C SER B 120 -15.85 22.57 -12.57
N1 EPE C . 12.07 2.91 20.19
C2 EPE C . 13.29 3.47 19.60
C3 EPE C . 12.92 4.29 18.36
N4 EPE C . 12.25 3.42 17.38
C5 EPE C . 11.04 2.86 17.97
C6 EPE C . 11.40 2.04 19.21
C7 EPE C . 11.90 4.21 16.19
C8 EPE C . 12.42 3.51 14.94
O8 EPE C . 12.11 4.31 13.79
C9 EPE C . 12.43 2.12 21.38
C10 EPE C . 11.17 1.75 22.15
S EPE C . 11.11 2.61 23.57
O1S EPE C . 12.36 3.41 23.71
O2S EPE C . 9.95 3.53 23.56
O3S EPE C . 11.00 1.68 24.70
C1 GOL D . 9.76 -12.71 -2.13
O1 GOL D . 9.78 -12.78 -3.54
C2 GOL D . 10.28 -13.97 -1.47
O2 GOL D . 10.14 -15.09 -2.33
C3 GOL D . 11.70 -13.85 -0.99
O3 GOL D . 11.76 -13.29 0.31
C1 GOL E . 8.75 6.46 12.75
O1 GOL E . 9.95 5.92 12.20
C2 GOL E . 7.58 6.34 11.80
O2 GOL E . 6.72 5.28 12.25
C3 GOL E . 6.79 7.63 11.65
O3 GOL E . 5.60 7.65 12.44
C1 GOL F . -6.35 -2.98 -4.98
O1 GOL F . -6.25 -2.87 -6.39
C2 GOL F . -7.78 -3.19 -4.52
O2 GOL F . -8.02 -4.52 -4.10
C3 GOL F . -8.25 -2.18 -3.49
O3 GOL F . -9.36 -2.67 -2.76
S SO4 G . -2.58 -24.47 2.07
O1 SO4 G . -2.81 -25.19 0.87
O2 SO4 G . -3.10 -23.16 1.94
O3 SO4 G . -3.24 -25.13 3.14
O4 SO4 G . -1.18 -24.41 2.31
S SO4 H . 14.29 -1.08 20.80
O1 SO4 H . 14.81 -2.35 20.31
O2 SO4 H . 14.40 -0.08 19.73
O3 SO4 H . 15.09 -0.65 21.96
O4 SO4 H . 12.89 -1.27 21.17
S SO4 I . -1.89 18.43 -2.16
O1 SO4 I . -1.03 19.54 -2.01
O2 SO4 I . -2.34 18.36 -3.50
O3 SO4 I . -1.20 17.24 -1.81
O4 SO4 I . -3.02 18.57 -1.31
#